data_6A19
#
_entry.id   6A19
#
_cell.length_a   137.727
_cell.length_b   137.727
_cell.length_c   112.359
_cell.angle_alpha   90.00
_cell.angle_beta   90.00
_cell.angle_gamma   90.00
#
_symmetry.space_group_name_H-M   'I 4 2 2'
#
loop_
_entity.id
_entity.type
_entity.pdbx_description
1 polymer '4-hydroxymandelate oxidase'
2 non-polymer 'FLAVIN MONONUCLEOTIDE'
3 non-polymer 'BENZOYL-FORMIC ACID'
4 water water
#
_entity_poly.entity_id   1
_entity_poly.type   'polypeptide(L)'
_entity_poly.pdbx_seq_one_letter_code
;MGSSHHHHHHSSGLVPRGSHMTYVSLADLERAARDVLPGEIFDFLAGGSGTEASLVANRTALERVFVIPRMLRDLTDVTT
EIDIFGRRAALPMAVAPVAYQRLFHPEGELAVARAARDAGVPYTICTLSSVSLEEIAAVGGRPWFQLFWLRDEKRSLDLV
RRAEDAGCEAIVFTVDVPWMGRRLRDMRNGFALPEWVTAANFDAGTAAHRRTQGVSAVADHTAREFAPATWESVEAVRAH
TDLPVVLKGILAVEDARRAVDAGAGGIVVSNHGGRQLDGAVPGIEMLGEIVAAVSGGCEVLVDGGIRSGGDVLKATALGA
SAVLVGRPVMWALAAAGQDGVRQLLELLAEEVRDAMGLAGCESVGAARRLNTKLGVV
;
_entity_poly.pdbx_strand_id   A
#
loop_
_chem_comp.id
_chem_comp.type
_chem_comp.name
_chem_comp.formula
173 non-polymer 'BENZOYL-FORMIC ACID' 'C8 H6 O3'
FMN non-polymer 'FLAVIN MONONUCLEOTIDE' 'C17 H21 N4 O9 P'
#
# COMPACT_ATOMS: atom_id res chain seq x y z
N THR A 22 13.15 14.93 14.89
CA THR A 22 11.78 14.71 15.46
C THR A 22 10.68 15.10 14.46
N TYR A 23 9.85 14.14 14.09
CA TYR A 23 8.72 14.37 13.19
C TYR A 23 7.45 14.12 13.99
N VAL A 24 6.48 15.03 13.89
CA VAL A 24 5.21 14.85 14.61
C VAL A 24 4.01 14.58 13.69
N SER A 25 4.24 14.63 12.38
CA SER A 25 3.25 14.23 11.36
C SER A 25 3.97 13.70 10.10
N LEU A 26 3.24 12.98 9.25
CA LEU A 26 3.82 12.52 7.98
C LEU A 26 4.22 13.67 7.09
N ALA A 27 3.53 14.81 7.19
CA ALA A 27 3.86 16.01 6.42
C ALA A 27 5.26 16.57 6.73
N ASP A 28 5.73 16.41 7.96
CA ASP A 28 7.12 16.76 8.30
C ASP A 28 8.13 15.99 7.43
N LEU A 29 7.84 14.71 7.19
CA LEU A 29 8.70 13.89 6.34
C LEU A 29 8.70 14.33 4.86
N GLU A 30 7.53 14.74 4.32
N GLU A 30 7.53 14.74 4.35
CA GLU A 30 7.50 15.23 2.92
CA GLU A 30 7.42 15.25 2.99
C GLU A 30 8.39 16.46 2.75
C GLU A 30 8.31 16.46 2.75
N ARG A 31 8.31 17.39 3.71
CA ARG A 31 9.16 18.61 3.66
C ARG A 31 10.65 18.23 3.66
N ALA A 32 11.03 17.30 4.53
CA ALA A 32 12.42 16.82 4.58
C ALA A 32 12.86 16.13 3.26
N ALA A 33 11.98 15.29 2.70
CA ALA A 33 12.31 14.63 1.43
C ALA A 33 12.47 15.60 0.26
N ARG A 34 11.61 16.63 0.25
N ARG A 34 11.64 16.63 0.16
CA ARG A 34 11.63 17.71 -0.72
CA ARG A 34 11.76 17.56 -0.99
C ARG A 34 12.96 18.49 -0.66
C ARG A 34 13.08 18.32 -0.94
N ASP A 35 13.47 18.68 0.56
N ASP A 35 13.52 18.65 0.26
CA ASP A 35 14.80 19.29 0.74
CA ASP A 35 14.77 19.39 0.41
C ASP A 35 15.88 18.53 -0.01
C ASP A 35 16.01 18.57 0.09
N VAL A 36 15.97 17.24 0.30
CA VAL A 36 17.12 16.39 -0.07
C VAL A 36 17.11 15.85 -1.50
N LEU A 37 15.93 15.46 -2.01
CA LEU A 37 15.88 14.78 -3.31
C LEU A 37 16.09 15.73 -4.49
N PRO A 38 16.78 15.26 -5.53
CA PRO A 38 16.77 15.99 -6.79
C PRO A 38 15.33 16.19 -7.28
N GLY A 39 15.04 17.33 -7.88
CA GLY A 39 13.69 17.68 -8.31
C GLY A 39 13.00 16.62 -9.15
N GLU A 40 13.71 16.07 -10.12
N GLU A 40 13.69 16.06 -10.14
CA GLU A 40 13.15 15.08 -11.04
CA GLU A 40 13.08 15.08 -11.04
C GLU A 40 12.77 13.79 -10.31
C GLU A 40 12.78 13.75 -10.34
N ILE A 41 13.56 13.42 -9.31
CA ILE A 41 13.26 12.24 -8.48
C ILE A 41 12.08 12.51 -7.55
N PHE A 42 12.03 13.68 -6.94
CA PHE A 42 10.87 14.07 -6.14
C PHE A 42 9.61 14.01 -7.00
N ASP A 43 9.70 14.49 -8.25
CA ASP A 43 8.54 14.47 -9.15
C ASP A 43 8.14 13.07 -9.55
N PHE A 44 9.11 12.18 -9.79
CA PHE A 44 8.83 10.76 -10.06
C PHE A 44 7.99 10.15 -8.92
N LEU A 45 8.39 10.48 -7.70
CA LEU A 45 7.71 10.00 -6.51
C LEU A 45 6.33 10.66 -6.30
N ALA A 46 6.27 11.99 -6.40
CA ALA A 46 5.05 12.74 -6.04
C ALA A 46 3.95 12.65 -7.09
N GLY A 47 4.35 12.56 -8.35
CA GLY A 47 3.45 12.77 -9.47
C GLY A 47 2.37 11.74 -9.69
N GLY A 48 1.42 12.13 -10.52
CA GLY A 48 0.38 11.25 -11.02
C GLY A 48 0.30 11.36 -12.51
N SER A 49 -0.70 10.69 -13.10
CA SER A 49 -0.91 10.75 -14.52
C SER A 49 -1.78 11.95 -14.91
N GLY A 50 -1.64 12.37 -16.16
CA GLY A 50 -2.52 13.39 -16.72
C GLY A 50 -2.51 14.70 -15.96
N THR A 51 -3.71 15.18 -15.61
CA THR A 51 -3.89 16.39 -14.83
C THR A 51 -3.73 16.22 -13.32
N GLU A 52 -3.45 14.99 -12.89
CA GLU A 52 -3.32 14.64 -11.48
C GLU A 52 -4.65 14.76 -10.73
N ALA A 53 -5.76 14.63 -11.46
CA ALA A 53 -7.07 14.71 -10.83
C ALA A 53 -7.29 13.58 -9.82
N SER A 54 -6.85 12.37 -10.16
CA SER A 54 -7.04 11.21 -9.27
C SER A 54 -6.11 11.27 -8.06
N LEU A 55 -4.90 11.79 -8.27
CA LEU A 55 -3.96 12.02 -7.18
C LEU A 55 -4.55 12.94 -6.13
N VAL A 56 -5.06 14.09 -6.57
CA VAL A 56 -5.69 15.05 -5.66
C VAL A 56 -6.95 14.47 -5.02
N ALA A 57 -7.75 13.74 -5.82
CA ALA A 57 -8.98 13.19 -5.31
C ALA A 57 -8.78 12.16 -4.18
N ASN A 58 -7.65 11.46 -4.18
CA ASN A 58 -7.35 10.52 -3.09
C ASN A 58 -7.35 11.26 -1.76
N ARG A 59 -6.76 12.45 -1.75
CA ARG A 59 -6.75 13.26 -0.53
C ARG A 59 -8.10 13.87 -0.21
N THR A 60 -8.74 14.45 -1.22
N THR A 60 -8.77 14.46 -1.20
CA THR A 60 -10.04 15.07 -1.04
CA THR A 60 -10.04 15.12 -0.92
C THR A 60 -11.03 14.09 -0.45
C THR A 60 -11.12 14.11 -0.51
N ALA A 61 -11.05 12.87 -1.00
CA ALA A 61 -11.99 11.84 -0.58
C ALA A 61 -11.81 11.46 0.88
N LEU A 62 -10.57 11.34 1.35
CA LEU A 62 -10.32 11.06 2.77
C LEU A 62 -10.74 12.23 3.66
N GLU A 63 -10.48 13.44 3.19
CA GLU A 63 -10.79 14.62 3.99
C GLU A 63 -12.30 14.83 4.19
N ARG A 64 -13.13 14.29 3.29
CA ARG A 64 -14.59 14.39 3.39
C ARG A 64 -15.19 13.39 4.38
N VAL A 65 -14.42 12.38 4.80
CA VAL A 65 -14.93 11.32 5.67
C VAL A 65 -14.72 11.75 7.10
N PHE A 66 -15.77 11.70 7.92
CA PHE A 66 -15.65 11.93 9.34
C PHE A 66 -16.05 10.69 10.09
N VAL A 67 -15.36 10.40 11.19
CA VAL A 67 -15.66 9.24 12.03
C VAL A 67 -16.64 9.63 13.13
N ILE A 68 -17.55 8.73 13.48
CA ILE A 68 -18.44 8.88 14.63
C ILE A 68 -17.84 8.02 15.75
N PRO A 69 -17.05 8.64 16.66
CA PRO A 69 -16.40 7.84 17.69
C PRO A 69 -17.36 7.36 18.77
N ARG A 70 -17.03 6.24 19.40
CA ARG A 70 -17.74 5.73 20.55
C ARG A 70 -16.98 6.08 21.82
N MET A 71 -17.74 6.25 22.90
CA MET A 71 -17.17 6.64 24.20
C MET A 71 -17.39 5.57 25.26
N LEU A 72 -16.57 5.63 26.29
CA LEU A 72 -16.79 4.91 27.55
C LEU A 72 -16.65 3.39 27.44
N ARG A 73 -15.89 2.95 26.44
N ARG A 73 -15.86 2.94 26.46
CA ARG A 73 -15.60 1.53 26.24
CA ARG A 73 -15.60 1.53 26.26
C ARG A 73 -14.33 1.17 27.00
C ARG A 73 -14.28 1.16 26.93
N ASP A 74 -14.16 -0.11 27.30
CA ASP A 74 -12.97 -0.62 27.95
C ASP A 74 -11.78 -0.51 27.02
N LEU A 75 -10.77 0.23 27.44
CA LEU A 75 -9.53 0.39 26.69
C LEU A 75 -8.33 -0.13 27.45
N THR A 76 -8.51 -1.09 28.35
N THR A 76 -8.54 -1.10 28.34
CA THR A 76 -7.38 -1.56 29.17
CA THR A 76 -7.45 -1.64 29.15
C THR A 76 -6.36 -2.42 28.40
C THR A 76 -6.36 -2.23 28.27
N ASP A 77 -6.75 -2.98 27.25
CA ASP A 77 -5.81 -3.72 26.39
C ASP A 77 -5.98 -3.32 24.92
N VAL A 78 -5.85 -2.03 24.61
CA VAL A 78 -5.95 -1.57 23.21
C VAL A 78 -4.83 -2.24 22.41
N THR A 79 -5.19 -2.88 21.30
CA THR A 79 -4.21 -3.49 20.41
C THR A 79 -4.49 -3.08 18.98
N THR A 80 -3.43 -2.71 18.27
CA THR A 80 -3.48 -2.36 16.86
C THR A 80 -3.16 -3.54 15.94
N GLU A 81 -2.97 -4.73 16.51
CA GLU A 81 -2.59 -5.89 15.72
C GLU A 81 -3.73 -6.46 14.89
N ILE A 82 -3.37 -7.08 13.77
CA ILE A 82 -4.30 -7.84 12.97
C ILE A 82 -3.63 -9.15 12.57
N ASP A 83 -4.45 -10.11 12.19
CA ASP A 83 -3.98 -11.31 11.50
C ASP A 83 -4.38 -11.17 10.04
N ILE A 84 -3.40 -11.34 9.15
CA ILE A 84 -3.67 -11.22 7.73
C ILE A 84 -2.74 -12.13 6.94
N PHE A 85 -3.32 -12.87 5.99
CA PHE A 85 -2.57 -13.82 5.14
C PHE A 85 -1.67 -14.72 5.98
N GLY A 86 -2.23 -15.20 7.09
CA GLY A 86 -1.56 -16.14 7.99
C GLY A 86 -0.46 -15.59 8.89
N ARG A 87 -0.39 -14.28 9.06
CA ARG A 87 0.67 -13.65 9.85
C ARG A 87 0.07 -12.58 10.74
N ARG A 88 0.62 -12.41 11.94
CA ARG A 88 0.28 -11.30 12.80
C ARG A 88 1.01 -10.09 12.25
N ALA A 89 0.34 -8.95 12.10
CA ALA A 89 0.98 -7.68 11.78
C ALA A 89 0.74 -6.73 12.94
N ALA A 90 1.71 -5.87 13.20
CA ALA A 90 1.65 -4.96 14.37
C ALA A 90 0.62 -3.86 14.24
N LEU A 91 0.28 -3.52 13.00
CA LEU A 91 -0.66 -2.47 12.64
C LEU A 91 -1.47 -2.98 11.46
N PRO A 92 -2.66 -2.39 11.21
CA PRO A 92 -3.42 -2.72 10.00
C PRO A 92 -2.87 -1.97 8.78
N MET A 93 -1.60 -2.25 8.48
CA MET A 93 -0.86 -1.50 7.47
CA MET A 93 -0.91 -1.54 7.40
C MET A 93 0.26 -2.36 6.91
N ALA A 94 0.56 -2.17 5.63
CA ALA A 94 1.75 -2.71 4.99
C ALA A 94 2.39 -1.62 4.14
N VAL A 95 3.69 -1.75 3.88
CA VAL A 95 4.37 -0.85 2.95
C VAL A 95 3.95 -1.22 1.53
N ALA A 96 3.44 -0.23 0.79
CA ALA A 96 3.02 -0.45 -0.59
C ALA A 96 4.22 -0.79 -1.47
N PRO A 97 3.97 -1.53 -2.55
CA PRO A 97 5.02 -1.69 -3.57
C PRO A 97 5.37 -0.38 -4.24
N VAL A 98 6.63 0.03 -4.17
CA VAL A 98 7.12 1.21 -4.86
C VAL A 98 8.41 0.82 -5.56
N ALA A 99 8.42 0.92 -6.89
CA ALA A 99 9.60 0.50 -7.68
C ALA A 99 10.85 1.33 -7.37
N TYR A 100 12.02 0.72 -7.55
CA TYR A 100 13.30 1.47 -7.67
C TYR A 100 13.65 2.34 -6.45
N GLN A 101 13.64 1.73 -5.27
CA GLN A 101 13.82 2.51 -4.04
C GLN A 101 15.24 3.09 -3.85
N ARG A 102 16.23 2.56 -4.58
CA ARG A 102 17.57 3.17 -4.62
CA ARG A 102 17.55 3.18 -4.59
C ARG A 102 17.55 4.58 -5.21
N LEU A 103 16.47 4.95 -5.92
CA LEU A 103 16.33 6.34 -6.33
C LEU A 103 16.34 7.29 -5.15
N PHE A 104 15.84 6.83 -4.00
CA PHE A 104 15.59 7.71 -2.85
C PHE A 104 16.66 7.72 -1.77
N HIS A 105 17.45 6.64 -1.73
CA HIS A 105 18.50 6.47 -0.72
C HIS A 105 19.39 5.33 -1.19
N PRO A 106 20.71 5.40 -0.93
CA PRO A 106 21.58 4.31 -1.41
C PRO A 106 21.28 2.89 -0.92
N GLU A 107 20.71 2.76 0.27
CA GLU A 107 20.33 1.45 0.81
C GLU A 107 18.99 0.95 0.24
N GLY A 108 18.22 1.86 -0.35
CA GLY A 108 16.98 1.50 -1.05
C GLY A 108 16.10 0.53 -0.28
N GLU A 109 15.70 -0.54 -0.96
CA GLU A 109 14.79 -1.52 -0.41
C GLU A 109 15.27 -2.17 0.89
N LEU A 110 16.59 -2.34 1.05
CA LEU A 110 17.08 -2.97 2.25
C LEU A 110 16.78 -2.14 3.51
N ALA A 111 16.94 -0.81 3.42
CA ALA A 111 16.64 0.08 4.52
C ALA A 111 15.15 0.00 4.89
N VAL A 112 14.31 0.02 3.87
CA VAL A 112 12.88 0.02 4.14
C VAL A 112 12.44 -1.32 4.73
N ALA A 113 12.91 -2.43 4.16
CA ALA A 113 12.54 -3.75 4.62
C ALA A 113 13.01 -4.02 6.07
N ARG A 114 14.20 -3.54 6.41
CA ARG A 114 14.70 -3.68 7.78
C ARG A 114 13.81 -2.94 8.79
N ALA A 115 13.46 -1.70 8.47
CA ALA A 115 12.59 -0.90 9.33
C ALA A 115 11.20 -1.53 9.46
N ALA A 116 10.67 -2.04 8.35
CA ALA A 116 9.36 -2.70 8.37
C ALA A 116 9.38 -3.96 9.22
N ARG A 117 10.40 -4.78 9.03
CA ARG A 117 10.61 -5.96 9.86
C ARG A 117 10.62 -5.60 11.35
N ASP A 118 11.43 -4.61 11.70
CA ASP A 118 11.58 -4.22 13.11
C ASP A 118 10.28 -3.68 13.71
N ALA A 119 9.46 -3.05 12.88
CA ALA A 119 8.14 -2.52 13.29
C ALA A 119 7.02 -3.54 13.26
N GLY A 120 7.25 -4.73 12.70
CA GLY A 120 6.24 -5.76 12.60
C GLY A 120 5.20 -5.49 11.51
N VAL A 121 5.58 -4.74 10.49
CA VAL A 121 4.72 -4.31 9.36
CA VAL A 121 4.65 -4.49 9.39
C VAL A 121 5.15 -5.10 8.11
N PRO A 122 4.21 -5.71 7.35
CA PRO A 122 4.64 -6.33 6.10
C PRO A 122 5.23 -5.34 5.11
N TYR A 123 6.27 -5.79 4.39
CA TYR A 123 6.91 -5.03 3.33
C TYR A 123 6.64 -5.72 2.00
N THR A 124 6.20 -4.97 1.00
CA THR A 124 5.94 -5.52 -0.32
C THR A 124 7.17 -5.36 -1.22
N ILE A 125 7.82 -6.49 -1.54
CA ILE A 125 8.95 -6.51 -2.48
C ILE A 125 8.42 -6.38 -3.90
N CYS A 126 8.99 -5.46 -4.67
CA CYS A 126 8.52 -5.17 -6.03
C CYS A 126 9.19 -6.02 -7.10
N THR A 127 8.42 -6.35 -8.14
CA THR A 127 9.00 -6.88 -9.38
C THR A 127 10.12 -5.98 -9.90
N LEU A 128 9.93 -4.67 -9.85
CA LEU A 128 10.93 -3.68 -10.30
C LEU A 128 11.74 -3.12 -9.11
N SER A 129 12.10 -4.00 -8.19
CA SER A 129 13.00 -3.61 -7.09
C SER A 129 14.41 -3.36 -7.62
N SER A 130 15.10 -2.42 -6.99
CA SER A 130 16.49 -2.07 -7.35
C SER A 130 17.53 -2.87 -6.58
N VAL A 131 17.07 -3.73 -5.70
CA VAL A 131 17.84 -4.80 -5.04
C VAL A 131 17.08 -6.10 -5.28
N SER A 132 17.78 -7.22 -5.48
CA SER A 132 17.10 -8.47 -5.84
C SER A 132 16.14 -8.92 -4.74
N LEU A 133 15.04 -9.54 -5.15
CA LEU A 133 14.02 -10.01 -4.21
C LEU A 133 14.59 -10.98 -3.17
N GLU A 134 15.58 -11.80 -3.56
CA GLU A 134 16.18 -12.73 -2.61
C GLU A 134 16.96 -11.99 -1.51
N GLU A 135 17.70 -10.96 -1.89
CA GLU A 135 18.40 -10.11 -0.90
C GLU A 135 17.44 -9.43 0.04
N ILE A 136 16.34 -8.89 -0.50
CA ILE A 136 15.41 -8.20 0.36
C ILE A 136 14.71 -9.19 1.29
N ALA A 137 14.33 -10.37 0.77
CA ALA A 137 13.68 -11.40 1.59
C ALA A 137 14.58 -11.89 2.74
N ALA A 138 15.88 -11.91 2.48
CA ALA A 138 16.86 -12.34 3.50
C ALA A 138 16.90 -11.43 4.72
N VAL A 139 16.46 -10.18 4.56
CA VAL A 139 16.26 -9.28 5.70
C VAL A 139 15.34 -9.89 6.78
N GLY A 140 14.38 -10.71 6.35
CA GLY A 140 13.42 -11.34 7.26
C GLY A 140 12.12 -10.59 7.27
N GLY A 141 11.38 -10.68 8.36
CA GLY A 141 10.12 -9.95 8.50
C GLY A 141 8.97 -10.47 7.66
N ARG A 142 9.01 -11.72 7.23
CA ARG A 142 7.86 -12.29 6.49
C ARG A 142 7.21 -11.38 5.34
N PRO A 143 8.01 -10.92 4.35
CA PRO A 143 7.68 -10.04 3.20
C PRO A 143 6.60 -10.57 2.24
N TRP A 144 5.98 -9.65 1.51
CA TRP A 144 5.09 -10.02 0.40
C TRP A 144 5.80 -9.72 -0.91
N PHE A 145 5.30 -10.25 -2.03
CA PHE A 145 5.91 -9.99 -3.33
C PHE A 145 4.88 -9.44 -4.31
N GLN A 146 5.18 -8.29 -4.91
CA GLN A 146 4.30 -7.69 -5.92
C GLN A 146 4.73 -8.17 -7.29
N LEU A 147 3.76 -8.66 -8.07
CA LEU A 147 4.00 -9.18 -9.42
C LEU A 147 3.45 -8.25 -10.49
N PHE A 148 4.28 -7.93 -11.48
CA PHE A 148 3.83 -7.48 -12.80
C PHE A 148 3.89 -8.67 -13.76
N TRP A 149 2.84 -8.84 -14.54
CA TRP A 149 2.80 -9.93 -15.51
C TRP A 149 3.88 -9.71 -16.58
N LEU A 150 4.66 -10.76 -16.87
CA LEU A 150 5.80 -10.69 -17.80
C LEU A 150 5.35 -11.07 -19.22
N ARG A 151 6.33 -11.09 -20.14
CA ARG A 151 6.10 -11.38 -21.55
C ARG A 151 5.34 -12.67 -21.85
N ASP A 152 5.49 -13.69 -21.00
CA ASP A 152 4.71 -14.91 -21.12
C ASP A 152 4.40 -15.55 -19.77
N GLU A 153 3.54 -16.56 -19.79
CA GLU A 153 3.15 -17.25 -18.57
C GLU A 153 4.37 -17.89 -17.87
N LYS A 154 5.22 -18.57 -18.63
CA LYS A 154 6.33 -19.33 -18.02
C LYS A 154 7.27 -18.44 -17.18
N ARG A 155 7.68 -17.30 -17.73
CA ARG A 155 8.54 -16.38 -16.99
C ARG A 155 7.86 -15.74 -15.78
N SER A 156 6.57 -15.44 -15.93
CA SER A 156 5.80 -14.86 -14.84
C SER A 156 5.73 -15.82 -13.67
N LEU A 157 5.43 -17.08 -13.96
CA LEU A 157 5.31 -18.11 -12.95
C LEU A 157 6.67 -18.43 -12.30
N ASP A 158 7.76 -18.34 -13.06
N ASP A 158 7.77 -18.33 -13.06
CA ASP A 158 9.11 -18.51 -12.50
CA ASP A 158 9.12 -18.46 -12.48
C ASP A 158 9.45 -17.40 -11.49
C ASP A 158 9.38 -17.41 -11.42
N LEU A 159 8.98 -16.17 -11.72
CA LEU A 159 9.15 -15.08 -10.80
C LEU A 159 8.33 -15.29 -9.50
N VAL A 160 7.10 -15.78 -9.65
CA VAL A 160 6.28 -16.16 -8.51
C VAL A 160 6.97 -17.25 -7.68
N ARG A 161 7.52 -18.26 -8.36
CA ARG A 161 8.20 -19.36 -7.69
C ARG A 161 9.45 -18.87 -6.95
N ARG A 162 10.23 -17.98 -7.56
CA ARG A 162 11.36 -17.33 -6.86
C ARG A 162 10.93 -16.67 -5.57
N ALA A 163 9.84 -15.90 -5.65
CA ALA A 163 9.37 -15.19 -4.48
C ALA A 163 8.96 -16.16 -3.39
N GLU A 164 8.25 -17.21 -3.77
CA GLU A 164 7.82 -18.22 -2.84
C GLU A 164 9.01 -18.95 -2.22
N ASP A 165 9.97 -19.33 -3.06
CA ASP A 165 11.19 -20.01 -2.58
C ASP A 165 11.97 -19.14 -1.60
N ALA A 166 11.96 -17.83 -1.80
CA ALA A 166 12.67 -16.88 -0.90
C ALA A 166 11.95 -16.58 0.42
N GLY A 167 10.73 -17.11 0.60
CA GLY A 167 9.95 -16.96 1.81
C GLY A 167 8.92 -15.83 1.80
N CYS A 168 8.57 -15.32 0.62
CA CYS A 168 7.49 -14.33 0.56
C CYS A 168 6.19 -15.04 0.89
N GLU A 169 5.28 -14.32 1.52
N GLU A 169 5.27 -14.36 1.58
CA GLU A 169 4.09 -14.91 2.13
CA GLU A 169 4.06 -14.99 2.11
C GLU A 169 2.79 -14.61 1.41
C GLU A 169 2.75 -14.53 1.48
N ALA A 170 2.83 -13.72 0.42
CA ALA A 170 1.65 -13.37 -0.39
C ALA A 170 2.14 -12.85 -1.71
N ILE A 171 1.34 -13.05 -2.76
CA ILE A 171 1.63 -12.52 -4.08
C ILE A 171 0.65 -11.39 -4.32
N VAL A 172 1.16 -10.17 -4.40
CA VAL A 172 0.33 -8.98 -4.67
C VAL A 172 0.40 -8.76 -6.17
N PHE A 173 -0.61 -9.23 -6.89
CA PHE A 173 -0.61 -9.16 -8.35
C PHE A 173 -1.22 -7.80 -8.70
N THR A 174 -0.43 -6.93 -9.30
CA THR A 174 -0.91 -5.61 -9.71
C THR A 174 -1.69 -5.79 -11.01
N VAL A 175 -2.96 -5.38 -10.98
CA VAL A 175 -3.88 -5.63 -12.09
C VAL A 175 -4.34 -4.36 -12.81
N ASP A 176 -3.78 -3.20 -12.45
CA ASP A 176 -4.17 -1.91 -13.04
C ASP A 176 -3.13 -1.30 -13.96
N VAL A 177 -2.16 -2.13 -14.40
CA VAL A 177 -1.06 -1.66 -15.22
C VAL A 177 -0.93 -2.56 -16.45
N PRO A 178 -1.92 -2.51 -17.36
CA PRO A 178 -1.65 -3.12 -18.69
C PRO A 178 -0.43 -2.46 -19.34
N TRP A 179 -0.25 -1.17 -19.08
CA TRP A 179 0.94 -0.42 -19.35
C TRP A 179 0.96 0.73 -18.34
N MET A 180 2.12 1.38 -18.18
CA MET A 180 2.22 2.53 -17.27
C MET A 180 1.48 3.76 -17.81
N GLY A 181 0.86 4.49 -16.90
CA GLY A 181 0.15 5.72 -17.21
C GLY A 181 1.05 6.83 -17.73
N ARG A 182 0.42 7.91 -18.20
N ARG A 182 0.44 7.92 -18.17
CA ARG A 182 1.11 9.07 -18.77
CA ARG A 182 1.14 9.05 -18.76
C ARG A 182 1.48 10.05 -17.67
C ARG A 182 1.49 10.06 -17.69
N ARG A 183 2.72 9.99 -17.20
CA ARG A 183 3.08 10.84 -16.12
CA ARG A 183 3.18 10.83 -16.08
C ARG A 183 3.83 12.08 -16.65
N LEU A 184 3.08 13.19 -16.68
CA LEU A 184 3.53 14.38 -17.41
C LEU A 184 4.71 15.06 -16.75
N ARG A 185 4.85 14.93 -15.42
CA ARG A 185 6.06 15.47 -14.77
C ARG A 185 7.30 14.79 -15.31
N ASP A 186 7.24 13.45 -15.46
CA ASP A 186 8.38 12.68 -15.95
C ASP A 186 8.70 13.01 -17.40
N MET A 187 7.65 13.20 -18.19
CA MET A 187 7.83 13.62 -19.60
C MET A 187 8.47 15.00 -19.70
N ARG A 188 7.94 15.96 -18.96
CA ARG A 188 8.48 17.32 -18.95
C ARG A 188 9.91 17.40 -18.40
N ASN A 189 10.21 16.60 -17.38
CA ASN A 189 11.57 16.56 -16.83
C ASN A 189 12.56 15.74 -17.66
N GLY A 190 12.07 14.95 -18.63
CA GLY A 190 12.88 13.98 -19.34
C GLY A 190 13.45 12.90 -18.44
N PHE A 191 12.67 12.50 -17.45
CA PHE A 191 13.16 11.61 -16.40
C PHE A 191 13.50 10.22 -16.93
N ALA A 192 14.66 9.72 -16.52
CA ALA A 192 15.04 8.32 -16.75
C ALA A 192 15.83 7.86 -15.55
N LEU A 193 15.92 6.54 -15.36
CA LEU A 193 16.70 5.98 -14.27
C LEU A 193 18.15 6.37 -14.43
N PRO A 194 18.82 6.78 -13.33
CA PRO A 194 20.27 6.87 -13.38
C PRO A 194 20.89 5.51 -13.70
N GLU A 195 22.06 5.51 -14.33
CA GLU A 195 22.75 4.25 -14.66
C GLU A 195 22.99 3.34 -13.45
N TRP A 196 23.11 3.93 -12.25
CA TRP A 196 23.31 3.14 -11.03
C TRP A 196 22.04 2.55 -10.40
N VAL A 197 20.86 2.78 -11.00
CA VAL A 197 19.61 2.15 -10.55
C VAL A 197 19.13 1.22 -11.65
N THR A 198 18.96 -0.06 -11.33
CA THR A 198 18.47 -1.05 -12.29
C THR A 198 17.37 -1.90 -11.69
N ALA A 199 16.66 -2.60 -12.57
CA ALA A 199 15.67 -3.61 -12.18
C ALA A 199 16.43 -4.89 -11.82
N ALA A 200 16.78 -5.00 -10.54
CA ALA A 200 17.70 -6.06 -10.06
C ALA A 200 17.20 -7.50 -10.17
N ASN A 201 15.89 -7.70 -10.37
CA ASN A 201 15.34 -9.02 -10.55
C ASN A 201 15.52 -9.59 -11.95
N PHE A 202 16.03 -8.76 -12.87
CA PHE A 202 16.24 -9.14 -14.27
C PHE A 202 17.71 -9.03 -14.68
N ASP A 203 18.08 -9.73 -15.74
CA ASP A 203 19.35 -9.54 -16.45
C ASP A 203 19.19 -8.52 -17.57
N PHE A 226 7.20 -7.06 -20.35
CA PHE A 226 5.89 -7.16 -19.71
C PHE A 226 4.77 -7.25 -20.75
N ALA A 227 3.68 -7.95 -20.39
CA ALA A 227 2.46 -8.01 -21.20
C ALA A 227 1.27 -7.81 -20.28
N PRO A 228 0.13 -7.29 -20.79
CA PRO A 228 -1.05 -7.05 -19.93
C PRO A 228 -1.66 -8.30 -19.28
N ALA A 229 -1.94 -8.22 -17.99
CA ALA A 229 -2.58 -9.30 -17.26
C ALA A 229 -4.07 -9.38 -17.57
N THR A 230 -4.58 -10.61 -17.58
CA THR A 230 -6.00 -10.90 -17.69
C THR A 230 -6.45 -11.86 -16.58
N TRP A 231 -7.73 -12.17 -16.52
CA TRP A 231 -8.24 -13.15 -15.57
C TRP A 231 -7.60 -14.54 -15.75
N GLU A 232 -7.23 -14.88 -17.00
CA GLU A 232 -6.48 -16.09 -17.26
CA GLU A 232 -6.45 -16.07 -17.31
C GLU A 232 -5.13 -16.08 -16.54
N SER A 233 -4.48 -14.92 -16.51
CA SER A 233 -3.18 -14.76 -15.80
C SER A 233 -3.36 -15.00 -14.32
N VAL A 234 -4.43 -14.45 -13.77
CA VAL A 234 -4.76 -14.67 -12.35
C VAL A 234 -4.90 -16.15 -12.04
N GLU A 235 -5.62 -16.86 -12.89
CA GLU A 235 -5.82 -18.30 -12.70
C GLU A 235 -4.48 -19.05 -12.77
N ALA A 236 -3.61 -18.65 -13.69
CA ALA A 236 -2.30 -19.29 -13.82
C ALA A 236 -1.51 -19.12 -12.53
N VAL A 237 -1.54 -17.92 -11.96
CA VAL A 237 -0.83 -17.66 -10.72
C VAL A 237 -1.44 -18.46 -9.57
N ARG A 238 -2.77 -18.43 -9.45
CA ARG A 238 -3.48 -19.16 -8.38
C ARG A 238 -3.17 -20.66 -8.40
N ALA A 239 -3.08 -21.24 -9.60
CA ALA A 239 -2.76 -22.67 -9.73
C ALA A 239 -1.29 -22.99 -9.43
N HIS A 240 -0.41 -22.00 -9.54
CA HIS A 240 1.04 -22.18 -9.40
C HIS A 240 1.58 -22.05 -7.96
N THR A 241 0.75 -21.52 -7.06
CA THR A 241 1.20 -21.28 -5.69
C THR A 241 0.07 -21.53 -4.72
N ASP A 242 0.43 -21.97 -3.52
CA ASP A 242 -0.52 -22.02 -2.42
C ASP A 242 -0.49 -20.72 -1.61
N LEU A 243 0.37 -19.77 -1.97
CA LEU A 243 0.35 -18.47 -1.28
C LEU A 243 -0.93 -17.72 -1.62
N PRO A 244 -1.43 -16.89 -0.69
CA PRO A 244 -2.57 -16.02 -1.02
C PRO A 244 -2.23 -15.07 -2.15
N VAL A 245 -3.14 -14.98 -3.13
CA VAL A 245 -3.00 -14.08 -4.25
C VAL A 245 -3.91 -12.87 -3.94
N VAL A 246 -3.32 -11.69 -4.03
CA VAL A 246 -3.99 -10.43 -3.67
C VAL A 246 -4.02 -9.57 -4.92
N LEU A 247 -5.20 -9.20 -5.41
CA LEU A 247 -5.27 -8.39 -6.64
C LEU A 247 -5.27 -6.90 -6.29
N LYS A 248 -4.23 -6.18 -6.71
CA LYS A 248 -4.06 -4.79 -6.38
C LYS A 248 -4.46 -3.91 -7.55
N GLY A 249 -5.39 -2.99 -7.29
CA GLY A 249 -5.88 -2.06 -8.29
C GLY A 249 -7.32 -2.30 -8.72
N ILE A 250 -8.11 -2.93 -7.86
CA ILE A 250 -9.54 -3.18 -8.12
C ILE A 250 -10.34 -1.94 -7.70
N LEU A 251 -11.24 -1.49 -8.58
CA LEU A 251 -12.16 -0.38 -8.25
C LEU A 251 -13.62 -0.70 -8.52
N ALA A 252 -13.92 -1.55 -9.50
CA ALA A 252 -15.32 -1.90 -9.81
C ALA A 252 -15.82 -2.98 -8.86
N VAL A 253 -17.06 -2.84 -8.40
CA VAL A 253 -17.65 -3.81 -7.52
C VAL A 253 -17.67 -5.19 -8.14
N GLU A 254 -18.02 -5.29 -9.42
CA GLU A 254 -18.05 -6.62 -10.01
C GLU A 254 -16.65 -7.23 -10.19
N ASP A 255 -15.62 -6.40 -10.34
CA ASP A 255 -14.26 -6.93 -10.34
C ASP A 255 -13.88 -7.46 -8.95
N ALA A 256 -14.35 -6.82 -7.89
CA ALA A 256 -14.12 -7.34 -6.54
C ALA A 256 -14.80 -8.70 -6.35
N ARG A 257 -16.05 -8.81 -6.77
N ARG A 257 -16.05 -8.79 -6.78
CA ARG A 257 -16.76 -10.10 -6.74
CA ARG A 257 -16.78 -10.04 -6.70
C ARG A 257 -16.04 -11.16 -7.53
C ARG A 257 -16.11 -11.15 -7.53
N ARG A 258 -15.66 -10.81 -8.75
CA ARG A 258 -14.97 -11.75 -9.59
C ARG A 258 -13.63 -12.18 -9.00
N ALA A 259 -12.94 -11.26 -8.31
CA ALA A 259 -11.71 -11.61 -7.62
C ALA A 259 -11.94 -12.71 -6.59
N VAL A 260 -13.03 -12.60 -5.84
CA VAL A 260 -13.35 -13.65 -4.87
C VAL A 260 -13.64 -14.97 -5.58
N ASP A 261 -14.45 -14.90 -6.63
CA ASP A 261 -14.80 -16.10 -7.43
C ASP A 261 -13.57 -16.75 -8.04
N ALA A 262 -12.57 -15.94 -8.40
CA ALA A 262 -11.30 -16.40 -8.96
C ALA A 262 -10.33 -16.98 -7.93
N GLY A 263 -10.67 -16.95 -6.65
CA GLY A 263 -9.87 -17.54 -5.59
C GLY A 263 -8.82 -16.61 -4.97
N ALA A 264 -8.96 -15.31 -5.22
CA ALA A 264 -8.10 -14.35 -4.54
C ALA A 264 -8.30 -14.39 -3.04
N GLY A 265 -7.19 -14.28 -2.31
CA GLY A 265 -7.22 -14.16 -0.85
C GLY A 265 -7.43 -12.75 -0.38
N GLY A 266 -7.19 -11.79 -1.27
CA GLY A 266 -7.42 -10.39 -0.95
C GLY A 266 -7.47 -9.55 -2.20
N ILE A 267 -7.89 -8.30 -2.01
CA ILE A 267 -7.80 -7.28 -3.05
C ILE A 267 -7.30 -6.00 -2.39
N VAL A 268 -6.69 -5.13 -3.19
CA VAL A 268 -6.37 -3.78 -2.77
C VAL A 268 -7.19 -2.84 -3.65
N VAL A 269 -8.12 -2.16 -3.02
CA VAL A 269 -8.98 -1.18 -3.65
C VAL A 269 -8.15 0.09 -3.81
N SER A 270 -7.89 0.48 -5.06
CA SER A 270 -6.77 1.38 -5.35
C SER A 270 -6.86 1.96 -6.75
N ASN A 271 -6.50 3.23 -6.90
CA ASN A 271 -6.28 3.83 -8.22
C ASN A 271 -4.79 4.05 -8.50
N HIS A 272 -3.94 3.28 -7.83
CA HIS A 272 -2.49 3.29 -8.05
C HIS A 272 -1.91 4.67 -7.72
N GLY A 273 -2.41 5.27 -6.64
CA GLY A 273 -1.94 6.59 -6.22
C GLY A 273 -2.11 7.68 -7.25
N GLY A 274 -3.14 7.53 -8.11
CA GLY A 274 -3.40 8.49 -9.15
C GLY A 274 -2.40 8.51 -10.30
N ARG A 275 -1.67 7.41 -10.44
CA ARG A 275 -0.59 7.31 -11.44
C ARG A 275 -0.99 6.55 -12.69
N GLN A 276 -2.19 5.97 -12.70
CA GLN A 276 -2.62 5.15 -13.83
C GLN A 276 -3.72 5.88 -14.61
N LEU A 277 -4.99 5.48 -14.51
CA LEU A 277 -6.03 6.25 -15.22
C LEU A 277 -6.29 7.58 -14.51
N ASP A 278 -6.05 8.70 -15.20
CA ASP A 278 -6.37 10.01 -14.66
C ASP A 278 -7.88 10.18 -14.81
N GLY A 279 -8.55 10.38 -13.68
CA GLY A 279 -10.03 10.35 -13.62
C GLY A 279 -10.59 9.09 -13.01
N ALA A 280 -9.73 8.10 -12.69
CA ALA A 280 -10.19 6.94 -11.91
C ALA A 280 -10.63 7.38 -10.53
N VAL A 281 -11.79 6.86 -10.12
CA VAL A 281 -12.32 7.08 -8.78
C VAL A 281 -11.28 6.69 -7.70
N PRO A 282 -11.21 7.46 -6.59
CA PRO A 282 -10.39 6.98 -5.48
C PRO A 282 -10.90 5.66 -4.88
N GLY A 283 -9.97 4.82 -4.47
CA GLY A 283 -10.33 3.59 -3.83
C GLY A 283 -11.21 3.80 -2.60
N ILE A 284 -10.88 4.80 -1.79
CA ILE A 284 -11.65 5.09 -0.59
CA ILE A 284 -11.65 5.11 -0.58
C ILE A 284 -13.14 5.36 -0.88
N GLU A 285 -13.45 5.84 -2.09
CA GLU A 285 -14.84 6.09 -2.46
CA GLU A 285 -14.85 6.10 -2.48
C GLU A 285 -15.60 4.82 -2.89
N MET A 286 -14.87 3.77 -3.28
CA MET A 286 -15.47 2.48 -3.65
C MET A 286 -15.46 1.45 -2.52
N LEU A 287 -14.67 1.72 -1.48
CA LEU A 287 -14.36 0.74 -0.46
C LEU A 287 -15.59 0.17 0.25
N GLY A 288 -16.50 1.04 0.69
CA GLY A 288 -17.68 0.56 1.44
C GLY A 288 -18.53 -0.38 0.60
N GLU A 289 -18.78 0.02 -0.64
N GLU A 289 -18.78 0.01 -0.65
CA GLU A 289 -19.58 -0.80 -1.57
CA GLU A 289 -19.58 -0.79 -1.56
C GLU A 289 -18.92 -2.16 -1.82
C GLU A 289 -18.93 -2.14 -1.90
N ILE A 290 -17.60 -2.14 -2.00
CA ILE A 290 -16.85 -3.36 -2.28
C ILE A 290 -16.85 -4.29 -1.06
N VAL A 291 -16.64 -3.73 0.13
CA VAL A 291 -16.69 -4.54 1.35
C VAL A 291 -18.04 -5.23 1.48
N ALA A 292 -19.12 -4.51 1.21
CA ALA A 292 -20.45 -5.10 1.26
C ALA A 292 -20.61 -6.23 0.26
N ALA A 293 -20.11 -6.00 -0.96
CA ALA A 293 -20.26 -6.98 -2.04
C ALA A 293 -19.47 -8.28 -1.82
N VAL A 294 -18.26 -8.21 -1.27
N VAL A 294 -18.36 -8.15 -1.12
CA VAL A 294 -17.45 -9.46 -1.16
CA VAL A 294 -17.49 -9.26 -0.77
C VAL A 294 -17.87 -10.30 0.02
C VAL A 294 -18.08 -10.12 0.39
N SER A 295 -18.57 -9.63 0.96
N SER A 295 -18.87 -9.57 1.31
CA SER A 295 -19.19 -10.21 2.16
CA SER A 295 -19.46 -10.45 2.34
C SER A 295 -18.34 -11.25 2.88
C SER A 295 -18.36 -11.33 2.97
N GLY A 296 -17.17 -10.77 3.24
CA GLY A 296 -16.12 -11.51 3.93
C GLY A 296 -15.38 -12.58 3.15
N GLY A 297 -15.58 -12.64 1.84
CA GLY A 297 -14.98 -13.65 0.99
C GLY A 297 -13.48 -13.51 0.74
N CYS A 298 -12.94 -12.33 0.99
CA CYS A 298 -11.50 -12.08 0.91
C CYS A 298 -11.18 -10.84 1.76
N GLU A 299 -9.89 -10.64 2.05
CA GLU A 299 -9.45 -9.44 2.73
C GLU A 299 -9.59 -8.28 1.75
N VAL A 300 -10.03 -7.14 2.26
CA VAL A 300 -10.17 -5.94 1.43
C VAL A 300 -9.29 -4.84 1.98
N LEU A 301 -8.18 -4.57 1.28
CA LEU A 301 -7.28 -3.48 1.64
C LEU A 301 -7.58 -2.28 0.77
N VAL A 302 -7.08 -1.13 1.19
CA VAL A 302 -7.23 0.11 0.43
C VAL A 302 -5.93 0.88 0.47
N ASP A 303 -5.66 1.66 -0.57
CA ASP A 303 -4.57 2.61 -0.51
C ASP A 303 -4.90 3.90 -1.23
N GLY A 304 -3.97 4.83 -1.19
CA GLY A 304 -4.10 6.13 -1.83
C GLY A 304 -4.32 7.23 -0.83
N GLY A 305 -3.27 8.00 -0.53
CA GLY A 305 -3.42 9.16 0.32
C GLY A 305 -3.51 8.94 1.82
N ILE A 306 -3.18 7.74 2.30
CA ILE A 306 -3.17 7.51 3.76
C ILE A 306 -1.97 8.29 4.32
N ARG A 307 -2.23 9.28 5.18
CA ARG A 307 -1.17 10.18 5.68
C ARG A 307 -1.20 10.37 7.19
N SER A 308 -1.94 9.54 7.92
CA SER A 308 -1.98 9.59 9.36
C SER A 308 -2.67 8.37 9.92
N GLY A 309 -2.53 8.16 11.22
CA GLY A 309 -3.29 7.14 11.90
C GLY A 309 -4.80 7.40 11.85
N GLY A 310 -5.19 8.68 11.86
CA GLY A 310 -6.57 9.06 11.65
C GLY A 310 -7.12 8.57 10.31
N ASP A 311 -6.30 8.65 9.27
CA ASP A 311 -6.72 8.16 7.94
C ASP A 311 -6.85 6.63 7.96
N VAL A 312 -5.94 5.95 8.67
CA VAL A 312 -6.05 4.50 8.85
C VAL A 312 -7.37 4.17 9.52
N LEU A 313 -7.73 4.94 10.55
CA LEU A 313 -9.00 4.73 11.23
C LEU A 313 -10.17 4.91 10.27
N LYS A 314 -10.14 5.97 9.46
CA LYS A 314 -11.22 6.19 8.47
C LYS A 314 -11.36 4.98 7.54
N ALA A 315 -10.23 4.50 7.02
CA ALA A 315 -10.22 3.33 6.13
C ALA A 315 -10.81 2.12 6.82
N THR A 316 -10.42 1.87 8.06
CA THR A 316 -10.92 0.75 8.84
CA THR A 316 -10.96 0.70 8.76
C THR A 316 -12.45 0.89 9.04
N ALA A 317 -12.88 2.12 9.39
CA ALA A 317 -14.32 2.37 9.64
C ALA A 317 -15.16 2.18 8.39
N LEU A 318 -14.56 2.40 7.23
CA LEU A 318 -15.22 2.10 5.92
C LEU A 318 -15.17 0.63 5.54
N GLY A 319 -14.48 -0.18 6.32
CA GLY A 319 -14.48 -1.63 6.18
C GLY A 319 -13.17 -2.28 5.75
N ALA A 320 -12.11 -1.50 5.53
CA ALA A 320 -10.81 -2.06 5.14
C ALA A 320 -10.26 -3.00 6.20
N SER A 321 -9.67 -4.10 5.75
CA SER A 321 -8.89 -5.01 6.60
C SER A 321 -7.57 -4.36 7.03
N ALA A 322 -6.99 -3.57 6.12
CA ALA A 322 -5.70 -2.93 6.32
C ALA A 322 -5.50 -1.94 5.19
N VAL A 323 -4.48 -1.09 5.33
CA VAL A 323 -4.12 -0.14 4.29
C VAL A 323 -2.74 -0.43 3.76
N LEU A 324 -2.44 0.08 2.58
CA LEU A 324 -1.04 0.27 2.14
C LEU A 324 -0.67 1.73 2.23
N VAL A 325 0.62 1.97 2.51
CA VAL A 325 1.16 3.33 2.53
C VAL A 325 2.36 3.35 1.59
N GLY A 326 2.36 4.27 0.62
CA GLY A 326 3.40 4.36 -0.40
C GLY A 326 4.32 5.54 -0.21
N ARG A 327 3.94 6.68 -0.76
CA ARG A 327 4.81 7.87 -0.78
C ARG A 327 5.44 8.25 0.58
N PRO A 328 4.68 8.22 1.68
CA PRO A 328 5.28 8.64 2.96
C PRO A 328 6.45 7.78 3.39
N VAL A 329 6.42 6.50 3.05
CA VAL A 329 7.52 5.59 3.40
C VAL A 329 8.78 6.02 2.62
N MET A 330 8.60 6.43 1.39
CA MET A 330 9.71 6.91 0.56
C MET A 330 10.22 8.26 1.04
N TRP A 331 9.33 9.13 1.53
CA TRP A 331 9.77 10.40 2.12
C TRP A 331 10.73 10.14 3.28
N ALA A 332 10.35 9.20 4.14
CA ALA A 332 11.14 8.85 5.34
C ALA A 332 12.48 8.25 4.93
N LEU A 333 12.44 7.36 3.95
CA LEU A 333 13.67 6.76 3.37
C LEU A 333 14.60 7.84 2.82
N ALA A 334 14.07 8.75 2.04
CA ALA A 334 14.87 9.86 1.48
C ALA A 334 15.46 10.74 2.57
N ALA A 335 14.65 11.04 3.58
CA ALA A 335 15.03 11.96 4.63
C ALA A 335 16.13 11.43 5.54
N ALA A 336 16.07 10.15 5.88
CA ALA A 336 16.95 9.59 6.91
C ALA A 336 17.19 8.08 6.86
N GLY A 337 17.05 7.48 5.67
CA GLY A 337 17.31 6.07 5.48
C GLY A 337 16.50 5.14 6.36
N GLN A 338 17.11 4.04 6.79
CA GLN A 338 16.42 3.09 7.67
C GLN A 338 15.84 3.76 8.92
N ASP A 339 16.64 4.61 9.58
CA ASP A 339 16.16 5.26 10.80
CA ASP A 339 16.17 5.30 10.80
C ASP A 339 14.95 6.17 10.53
N GLY A 340 14.92 6.82 9.36
CA GLY A 340 13.77 7.62 8.93
C GLY A 340 12.53 6.77 8.83
N VAL A 341 12.65 5.62 8.17
CA VAL A 341 11.50 4.72 8.04
C VAL A 341 11.04 4.22 9.40
N ARG A 342 11.99 3.87 10.30
CA ARG A 342 11.67 3.49 11.67
C ARG A 342 10.84 4.57 12.35
N GLN A 343 11.28 5.82 12.25
CA GLN A 343 10.58 6.93 12.90
C GLN A 343 9.17 7.14 12.34
N LEU A 344 9.06 7.03 11.02
CA LEU A 344 7.74 7.08 10.39
C LEU A 344 6.81 6.00 10.93
N LEU A 345 7.29 4.75 10.99
CA LEU A 345 6.43 3.65 11.45
C LEU A 345 6.07 3.76 12.92
N GLU A 346 7.01 4.26 13.75
CA GLU A 346 6.72 4.55 15.14
C GLU A 346 5.66 5.65 15.28
N LEU A 347 5.77 6.68 14.46
CA LEU A 347 4.80 7.78 14.46
C LEU A 347 3.42 7.26 14.04
N LEU A 348 3.36 6.51 12.94
CA LEU A 348 2.08 5.94 12.51
CA LEU A 348 2.10 5.91 12.50
C LEU A 348 1.48 5.01 13.56
N ALA A 349 2.30 4.18 14.20
CA ALA A 349 1.83 3.33 15.26
C ALA A 349 1.20 4.12 16.40
N GLU A 350 1.84 5.22 16.81
N GLU A 350 1.89 5.20 16.81
CA GLU A 350 1.29 6.04 17.88
CA GLU A 350 1.38 6.12 17.84
C GLU A 350 0.00 6.72 17.43
C GLU A 350 0.02 6.68 17.42
N GLU A 351 -0.04 7.18 16.18
CA GLU A 351 -1.26 7.85 15.69
C GLU A 351 -2.42 6.86 15.59
N VAL A 352 -2.14 5.64 15.16
CA VAL A 352 -3.20 4.63 15.03
C VAL A 352 -3.75 4.27 16.41
N ARG A 353 -2.85 4.02 17.37
N ARG A 353 -2.87 4.02 17.38
CA ARG A 353 -3.26 3.74 18.73
CA ARG A 353 -3.30 3.72 18.74
C ARG A 353 -4.10 4.87 19.32
C ARG A 353 -4.10 4.87 19.33
N ASP A 354 -3.62 6.09 19.13
CA ASP A 354 -4.31 7.31 19.61
C ASP A 354 -5.73 7.39 19.02
N ALA A 355 -5.82 7.30 17.70
CA ALA A 355 -7.11 7.41 17.00
C ALA A 355 -8.07 6.32 17.43
N MET A 356 -7.58 5.08 17.51
CA MET A 356 -8.45 3.96 17.91
C MET A 356 -9.01 4.17 19.31
N GLY A 357 -8.17 4.57 20.25
CA GLY A 357 -8.63 4.71 21.61
C GLY A 357 -9.58 5.88 21.79
N LEU A 358 -9.27 7.01 21.15
CA LEU A 358 -10.16 8.15 21.18
C LEU A 358 -11.52 7.82 20.57
N ALA A 359 -11.53 6.89 19.62
CA ALA A 359 -12.79 6.42 19.00
C ALA A 359 -13.46 5.23 19.71
N GLY A 360 -12.90 4.80 20.85
CA GLY A 360 -13.48 3.77 21.66
C GLY A 360 -13.24 2.37 21.16
N CYS A 361 -12.15 2.15 20.44
CA CYS A 361 -11.89 0.85 19.83
C CYS A 361 -10.68 0.19 20.44
N GLU A 362 -10.90 -0.94 21.11
CA GLU A 362 -9.82 -1.72 21.73
CA GLU A 362 -9.81 -1.71 21.71
C GLU A 362 -9.14 -2.64 20.70
N SER A 363 -9.74 -2.80 19.52
CA SER A 363 -9.23 -3.65 18.48
C SER A 363 -9.57 -3.08 17.11
N VAL A 364 -8.86 -3.54 16.09
CA VAL A 364 -9.16 -3.14 14.72
C VAL A 364 -10.56 -3.62 14.31
N GLY A 365 -10.97 -4.81 14.76
CA GLY A 365 -12.34 -5.25 14.51
C GLY A 365 -13.39 -4.27 14.98
N ALA A 366 -13.20 -3.72 16.17
CA ALA A 366 -14.09 -2.69 16.68
C ALA A 366 -14.07 -1.44 15.81
N ALA A 367 -12.89 -1.06 15.32
CA ALA A 367 -12.80 0.08 14.44
C ALA A 367 -13.58 -0.15 13.15
N ARG A 368 -13.61 -1.38 12.65
CA ARG A 368 -14.37 -1.67 11.44
C ARG A 368 -15.88 -1.48 11.65
N ARG A 369 -16.36 -1.56 12.90
CA ARG A 369 -17.77 -1.38 13.22
C ARG A 369 -18.15 0.08 13.49
N LEU A 370 -17.17 0.99 13.49
CA LEU A 370 -17.48 2.42 13.57
C LEU A 370 -18.28 2.88 12.38
N ASN A 371 -19.15 3.85 12.61
CA ASN A 371 -19.85 4.53 11.53
C ASN A 371 -19.13 5.82 11.14
N THR A 372 -19.43 6.27 9.93
CA THR A 372 -18.87 7.48 9.37
C THR A 372 -19.96 8.38 8.84
N LYS A 373 -19.58 9.63 8.59
CA LYS A 373 -20.48 10.62 7.99
CA LYS A 373 -20.48 10.61 7.99
C LYS A 373 -19.68 11.45 7.01
N LEU A 374 -20.22 11.64 5.80
CA LEU A 374 -19.56 12.52 4.83
C LEU A 374 -19.84 13.98 5.21
N GLY A 375 -18.82 14.82 5.11
CA GLY A 375 -18.93 16.26 5.38
C GLY A 375 -18.50 17.02 4.15
N VAL A 376 -18.27 18.33 4.29
CA VAL A 376 -17.75 19.16 3.19
C VAL A 376 -16.36 19.73 3.50
N VAL A 377 -15.57 19.87 2.43
CA VAL A 377 -14.14 20.27 2.42
C VAL A 377 -13.25 19.66 3.51
N1 FMN B . 2.39 -0.12 -7.40
C2 FMN B . 2.66 -1.36 -7.88
O2 FMN B . 1.77 -2.24 -7.79
N3 FMN B . 3.88 -1.64 -8.41
C4 FMN B . 4.86 -0.74 -8.53
O4 FMN B . 5.99 -1.02 -9.03
C4A FMN B . 4.64 0.60 -8.03
N5 FMN B . 5.57 1.59 -8.09
C5A FMN B . 5.32 2.83 -7.60
C6 FMN B . 6.29 3.81 -7.65
C7 FMN B . 6.08 5.07 -7.14
C7M FMN B . 7.15 6.14 -7.18
C8 FMN B . 4.78 5.38 -6.50
C8M FMN B . 4.52 6.74 -5.92
C9 FMN B . 3.82 4.40 -6.44
C9A FMN B . 4.02 3.14 -6.98
N10 FMN B . 3.04 2.12 -6.93
C10 FMN B . 3.30 0.87 -7.45
C1' FMN B . 1.70 2.38 -6.36
C2' FMN B . 1.72 2.19 -4.85
O2' FMN B . 1.86 0.81 -4.56
C3' FMN B . 0.43 2.66 -4.20
O3' FMN B . -0.70 2.09 -4.88
C4' FMN B . 0.29 4.14 -4.14
O4' FMN B . 1.56 4.83 -4.08
C5' FMN B . -0.49 4.34 -2.84
O5' FMN B . -0.67 5.64 -2.63
P FMN B . 0.16 6.55 -1.62
O1P FMN B . 1.49 6.73 -2.32
O2P FMN B . -0.75 7.73 -1.74
O3P FMN B . 0.24 6.01 -0.21
O1B 173 C . 3.33 3.78 -10.51
C1 173 C . 4.18 2.93 -10.80
O1A 173 C . 3.97 1.70 -10.71
C2 173 C . 5.43 3.52 -11.26
O2 173 C . 5.65 4.70 -11.08
C1G 173 C . 6.49 2.82 -12.02
C2D 173 C . 6.96 3.37 -13.21
C2E 173 C . 7.96 2.72 -13.91
C3 173 C . 8.47 1.53 -13.39
C1E 173 C . 7.99 1.03 -12.18
C1D 173 C . 7.00 1.67 -11.49
O1B 173 D . 5.53 -0.43 -21.07
C1 173 D . 5.22 0.00 -19.94
O1A 173 D . 4.32 0.84 -19.78
C2 173 D . 5.95 -0.51 -18.76
O2 173 D . 7.09 -0.10 -18.53
C1G 173 D . 5.33 -1.51 -17.81
C2D 173 D . 5.82 -1.62 -16.50
C2E 173 D . 5.24 -2.54 -15.62
C3 173 D . 4.20 -3.36 -16.05
C1E 173 D . 3.73 -3.26 -17.36
C1D 173 D . 4.29 -2.33 -18.24
#